data_8TFS
#
_entry.id   8TFS
#
_cell.length_a   66.390
_cell.length_b   66.390
_cell.length_c   141.390
_cell.angle_alpha   90.000
_cell.angle_beta   90.000
_cell.angle_gamma   120.000
#
_symmetry.space_group_name_H-M   'P 31 2 1'
#
loop_
_entity.id
_entity.type
_entity.pdbx_description
1 polymer 'Rhodanese domain-containing protein'
2 water water
#
_entity_poly.entity_id   1
_entity_poly.type   'polypeptide(L)'
_entity_poly.pdbx_seq_one_letter_code
;SHHHHHHSSSENLYFQRGYAGEITAAVALDTVVNDPSAVLIDVRAAREKEASGVPDVPGAASSKVLEVEFAALEDKKLRS
QLKDPSFIEAQTTALQIASLRRIGTGSKVILLDRYGPQAEAVARELAKKGYSRVYVVTGGFDGRAGWIQSKLQIKPFTAT
NLTFAAPAFGARTGTTSTRRLPAPRA
;
_entity_poly.pdbx_strand_id   A,B
#
# COMPACT_ATOMS: atom_id res chain seq x y z
N GLY A 18 2.49 -16.38 -13.07
CA GLY A 18 3.12 -17.72 -12.83
C GLY A 18 3.81 -17.88 -11.48
N TYR A 19 5.14 -17.98 -11.51
CA TYR A 19 5.93 -18.22 -10.31
C TYR A 19 7.22 -17.42 -10.40
N ALA A 20 7.75 -17.03 -9.25
CA ALA A 20 8.97 -16.24 -9.19
C ALA A 20 10.18 -17.12 -9.48
N GLY A 21 11.21 -16.53 -10.09
CA GLY A 21 12.45 -17.22 -10.42
C GLY A 21 13.65 -16.57 -9.74
N GLU A 22 14.83 -17.14 -10.00
CA GLU A 22 16.08 -16.69 -9.39
C GLU A 22 17.10 -16.36 -10.48
N ILE A 23 17.99 -15.43 -10.18
CA ILE A 23 18.99 -14.94 -11.14
C ILE A 23 20.20 -14.49 -10.34
N THR A 24 21.42 -14.85 -10.78
CA THR A 24 22.56 -14.34 -10.05
C THR A 24 22.73 -12.86 -10.36
N ALA A 25 23.43 -12.14 -9.47
CA ALA A 25 23.65 -10.72 -9.68
C ALA A 25 24.36 -10.45 -11.00
N ALA A 26 25.44 -11.21 -11.30
CA ALA A 26 26.17 -11.00 -12.56
C ALA A 26 25.24 -11.18 -13.77
N VAL A 27 24.39 -12.20 -13.76
CA VAL A 27 23.44 -12.35 -14.89
C VAL A 27 22.37 -11.25 -14.88
N ALA A 28 21.96 -10.79 -13.70
CA ALA A 28 21.03 -9.67 -13.66
C ALA A 28 21.66 -8.45 -14.32
N LEU A 29 22.94 -8.17 -14.02
CA LEU A 29 23.66 -7.10 -14.70
C LEU A 29 23.67 -7.31 -16.20
N ASP A 30 24.03 -8.52 -16.64
CA ASP A 30 24.06 -8.80 -18.06
C ASP A 30 22.69 -8.59 -18.71
N THR A 31 21.62 -8.96 -18.01
CA THR A 31 20.28 -8.88 -18.58
C THR A 31 19.81 -7.43 -18.66
N VAL A 32 20.08 -6.62 -17.63
CA VAL A 32 19.63 -5.24 -17.69
C VAL A 32 20.37 -4.47 -18.77
N VAL A 33 21.58 -4.92 -19.11
CA VAL A 33 22.34 -4.26 -20.16
C VAL A 33 21.85 -4.69 -21.54
N ASN A 34 21.56 -5.98 -21.73
CA ASN A 34 21.40 -6.53 -23.06
C ASN A 34 19.99 -6.98 -23.41
N ASP A 35 19.08 -7.03 -22.45
CA ASP A 35 17.70 -7.42 -22.73
C ASP A 35 16.80 -6.18 -22.72
N PRO A 36 16.33 -5.71 -23.89
CA PRO A 36 15.50 -4.49 -23.90
C PRO A 36 14.18 -4.66 -23.19
N SER A 37 13.75 -5.88 -22.86
CA SER A 37 12.48 -6.07 -22.15
C SER A 37 12.65 -6.09 -20.64
N ALA A 38 13.89 -5.99 -20.14
CA ALA A 38 14.18 -6.24 -18.74
C ALA A 38 14.28 -4.91 -17.98
N VAL A 39 13.86 -4.95 -16.72
CA VAL A 39 14.11 -3.86 -15.78
C VAL A 39 14.68 -4.50 -14.51
N LEU A 40 15.50 -3.74 -13.82
CA LEU A 40 16.01 -4.07 -12.50
C LEU A 40 15.33 -3.11 -11.54
N ILE A 41 14.56 -3.65 -10.59
CA ILE A 41 13.81 -2.85 -9.62
C ILE A 41 14.46 -3.03 -8.26
N ASP A 42 15.08 -1.96 -7.77
CA ASP A 42 15.62 -1.95 -6.41
C ASP A 42 14.42 -1.76 -5.47
N VAL A 43 14.10 -2.75 -4.64
CA VAL A 43 13.01 -2.59 -3.68
C VAL A 43 13.52 -2.32 -2.26
N ARG A 44 14.80 -1.99 -2.10
CA ARG A 44 15.33 -1.71 -0.77
C ARG A 44 14.77 -0.39 -0.19
N ALA A 45 14.76 -0.31 1.13
CA ALA A 45 14.37 0.92 1.79
C ALA A 45 15.41 2.00 1.55
N ALA A 46 14.96 3.26 1.53
CA ALA A 46 15.90 4.39 1.39
C ALA A 46 17.09 4.20 2.32
N ARG A 47 16.81 3.71 3.53
CA ARG A 47 17.82 3.47 4.56
C ARG A 47 18.86 2.45 4.16
N GLU A 48 18.41 1.36 3.55
CA GLU A 48 19.30 0.29 3.13
C GLU A 48 20.22 0.77 2.02
N LYS A 49 19.70 1.62 1.13
CA LYS A 49 20.50 2.16 0.01
C LYS A 49 21.51 3.18 0.53
N GLU A 50 21.12 3.98 1.51
CA GLU A 50 22.04 4.93 2.13
C GLU A 50 23.22 4.19 2.74
N ALA A 51 22.95 3.10 3.44
CA ALA A 51 24.01 2.40 4.13
C ALA A 51 24.96 1.71 3.17
N SER A 52 24.44 1.06 2.11
CA SER A 52 25.27 0.18 1.29
C SER A 52 25.57 0.69 -0.11
N GLY A 53 24.86 1.70 -0.60
CA GLY A 53 25.01 2.11 -2.00
C GLY A 53 23.98 1.46 -2.92
N VAL A 54 24.14 1.73 -4.21
CA VAL A 54 23.22 1.22 -5.22
C VAL A 54 24.03 0.65 -6.38
N PRO A 55 23.40 -0.16 -7.24
CA PRO A 55 24.14 -0.69 -8.40
C PRO A 55 24.65 0.41 -9.32
N ASP A 56 25.87 0.24 -9.81
CA ASP A 56 26.47 1.14 -10.79
C ASP A 56 26.55 0.37 -12.11
N VAL A 57 25.64 0.65 -13.04
CA VAL A 57 25.55 -0.14 -14.26
C VAL A 57 26.02 0.70 -15.46
N PRO A 58 26.38 0.07 -16.58
CA PRO A 58 26.81 0.86 -17.74
C PRO A 58 25.75 1.88 -18.16
N GLY A 59 26.23 3.03 -18.63
CA GLY A 59 25.40 4.17 -18.94
C GLY A 59 24.09 3.90 -19.64
N ALA A 60 24.12 3.22 -20.79
CA ALA A 60 22.88 3.02 -21.53
C ALA A 60 21.84 2.28 -20.70
N ALA A 61 22.29 1.47 -19.75
CA ALA A 61 21.41 0.62 -18.97
C ALA A 61 20.87 1.33 -17.73
N SER A 62 21.35 2.52 -17.41
CA SER A 62 20.97 3.15 -16.15
C SER A 62 19.48 3.44 -16.11
N SER A 63 18.86 3.79 -17.24
CA SER A 63 17.44 4.12 -17.26
C SER A 63 16.55 2.90 -17.01
N LYS A 64 17.12 1.70 -17.05
CA LYS A 64 16.38 0.47 -16.83
C LYS A 64 16.40 0.02 -15.38
N VAL A 65 17.13 0.74 -14.52
CA VAL A 65 17.13 0.45 -13.09
C VAL A 65 16.09 1.35 -12.45
N LEU A 66 15.06 0.74 -11.87
CA LEU A 66 13.92 1.44 -11.30
C LEU A 66 13.97 1.32 -9.78
N GLU A 67 13.20 2.16 -9.11
CA GLU A 67 13.18 2.17 -7.66
C GLU A 67 11.73 2.12 -7.21
N VAL A 68 11.36 1.06 -6.51
CA VAL A 68 10.07 0.96 -5.83
C VAL A 68 10.39 0.54 -4.40
N GLU A 69 10.57 1.50 -3.50
CA GLU A 69 10.95 1.17 -2.13
C GLU A 69 9.92 0.23 -1.52
N PHE A 70 10.40 -0.78 -0.80
CA PHE A 70 9.49 -1.69 -0.10
C PHE A 70 8.44 -0.89 0.67
N ALA A 71 7.16 -1.27 0.51
CA ALA A 71 6.04 -0.46 1.00
C ALA A 71 5.79 -0.73 2.49
N ALA A 72 6.74 -0.31 3.31
CA ALA A 72 6.64 -0.51 4.76
C ALA A 72 5.45 0.22 5.39
N LEU A 73 4.86 -0.41 6.41
CA LEU A 73 3.79 0.20 7.22
C LEU A 73 4.48 0.81 8.42
N GLU A 74 4.76 2.11 8.37
CA GLU A 74 5.54 2.74 9.42
C GLU A 74 4.70 3.04 10.65
N ASP A 75 3.40 3.28 10.48
CA ASP A 75 2.49 3.60 11.58
C ASP A 75 2.39 2.39 12.50
N LYS A 76 3.18 2.37 13.57
CA LYS A 76 3.16 1.24 14.50
C LYS A 76 1.77 1.03 15.10
N LYS A 77 0.98 2.10 15.28
CA LYS A 77 -0.37 1.94 15.79
C LYS A 77 -1.22 1.12 14.83
N LEU A 78 -1.25 1.51 13.56
CA LEU A 78 -1.96 0.73 12.56
C LEU A 78 -1.38 -0.66 12.42
N ARG A 79 -0.05 -0.79 12.44
CA ARG A 79 0.57 -2.08 12.21
C ARG A 79 0.12 -3.10 13.23
N SER A 80 0.03 -2.70 14.50
CA SER A 80 -0.31 -3.62 15.57
C SER A 80 -1.74 -4.16 15.44
N GLN A 81 -2.52 -3.65 14.49
CA GLN A 81 -3.92 -4.05 14.35
C GLN A 81 -4.18 -4.98 13.18
N LEU A 82 -3.19 -5.20 12.31
CA LEU A 82 -3.38 -5.92 11.07
C LEU A 82 -2.89 -7.35 11.16
N LYS A 83 -3.60 -8.23 10.49
CA LYS A 83 -3.15 -9.60 10.31
C LYS A 83 -1.92 -9.61 9.39
N ASP A 84 -0.81 -10.21 9.85
CA ASP A 84 0.35 -10.42 8.98
C ASP A 84 0.75 -9.16 8.21
N PRO A 85 1.20 -8.11 8.90
CA PRO A 85 1.51 -6.87 8.20
C PRO A 85 2.66 -6.99 7.19
N SER A 86 3.62 -7.87 7.43
CA SER A 86 4.71 -8.00 6.45
C SER A 86 4.20 -8.53 5.12
N PHE A 87 3.14 -9.32 5.14
CA PHE A 87 2.53 -9.77 3.89
C PHE A 87 1.81 -8.62 3.19
N ILE A 88 1.15 -7.73 3.97
CA ILE A 88 0.49 -6.57 3.38
C ILE A 88 1.54 -5.69 2.70
N GLU A 89 2.70 -5.55 3.32
CA GLU A 89 3.77 -4.76 2.73
C GLU A 89 4.26 -5.38 1.43
N ALA A 90 4.42 -6.69 1.41
CA ALA A 90 4.86 -7.31 0.16
C ALA A 90 3.80 -7.17 -0.92
N GLN A 91 2.53 -7.36 -0.56
CA GLN A 91 1.47 -7.25 -1.54
C GLN A 91 1.43 -5.84 -2.11
N THR A 92 1.55 -4.83 -1.22
CA THR A 92 1.51 -3.43 -1.65
C THR A 92 2.67 -3.09 -2.59
N THR A 93 3.89 -3.51 -2.24
CA THR A 93 5.01 -3.34 -3.17
C THR A 93 4.71 -4.00 -4.53
N ALA A 94 4.20 -5.23 -4.51
CA ALA A 94 3.87 -5.85 -5.78
C ALA A 94 2.80 -5.08 -6.55
N LEU A 95 1.77 -4.58 -5.85
CA LEU A 95 0.76 -3.80 -6.55
C LEU A 95 1.38 -2.57 -7.21
N GLN A 96 2.27 -1.88 -6.51
CA GLN A 96 2.90 -0.70 -7.11
C GLN A 96 3.71 -1.07 -8.35
N ILE A 97 4.50 -2.13 -8.25
CA ILE A 97 5.28 -2.56 -9.42
C ILE A 97 4.35 -2.91 -10.58
N ALA A 98 3.28 -3.65 -10.30
CA ALA A 98 2.38 -4.06 -11.37
C ALA A 98 1.71 -2.86 -12.00
N SER A 99 1.71 -1.72 -11.31
CA SER A 99 1.08 -0.49 -11.80
C SER A 99 2.06 0.44 -12.52
N LEU A 100 3.35 0.09 -12.59
CA LEU A 100 4.28 0.90 -13.33
C LEU A 100 3.85 0.96 -14.79
N ARG A 101 3.70 2.18 -15.30
CA ARG A 101 3.26 2.38 -16.68
C ARG A 101 4.19 1.73 -17.69
N ARG A 102 5.49 1.72 -17.39
CA ARG A 102 6.50 1.31 -18.37
C ARG A 102 6.46 -0.18 -18.70
N ILE A 103 6.03 -1.02 -17.76
CA ILE A 103 6.13 -2.46 -17.94
C ILE A 103 4.75 -3.10 -18.06
N GLY A 104 4.74 -4.33 -18.57
CA GLY A 104 3.55 -5.15 -18.60
C GLY A 104 3.93 -6.57 -18.23
N THR A 105 2.99 -7.51 -18.29
CA THR A 105 3.25 -8.84 -17.78
C THR A 105 4.26 -9.60 -18.62
N GLY A 106 4.52 -9.15 -19.86
CA GLY A 106 5.57 -9.74 -20.66
C GLY A 106 6.96 -9.21 -20.35
N SER A 107 7.09 -8.19 -19.51
CA SER A 107 8.40 -7.65 -19.21
C SER A 107 9.19 -8.60 -18.31
N LYS A 108 10.51 -8.62 -18.47
CA LYS A 108 11.37 -9.36 -17.54
C LYS A 108 11.66 -8.45 -16.33
N VAL A 109 11.18 -8.84 -15.15
CA VAL A 109 11.21 -7.97 -13.98
C VAL A 109 12.19 -8.60 -13.00
N ILE A 110 13.35 -7.96 -12.79
CA ILE A 110 14.34 -8.44 -11.84
C ILE A 110 14.23 -7.61 -10.56
N LEU A 111 14.03 -8.27 -9.42
CA LEU A 111 13.88 -7.54 -8.16
C LEU A 111 15.17 -7.69 -7.34
N LEU A 112 15.58 -6.59 -6.72
CA LEU A 112 16.79 -6.52 -5.89
C LEU A 112 16.40 -5.98 -4.51
N ASP A 113 16.54 -6.81 -3.47
CA ASP A 113 16.37 -6.32 -2.10
C ASP A 113 17.74 -6.43 -1.40
N ARG A 114 17.75 -6.36 -0.08
CA ARG A 114 19.03 -6.36 0.63
C ARG A 114 19.65 -7.75 0.70
N TYR A 115 18.86 -8.76 1.09
CA TYR A 115 19.41 -10.10 1.28
C TYR A 115 18.74 -11.22 0.50
N GLY A 116 17.59 -10.97 -0.13
CA GLY A 116 16.91 -11.99 -0.90
C GLY A 116 15.46 -12.17 -0.52
N PRO A 117 15.20 -12.51 0.76
CA PRO A 117 13.85 -12.98 1.14
C PRO A 117 12.74 -11.96 1.00
N GLN A 118 13.02 -10.66 1.16
CA GLN A 118 11.96 -9.69 0.93
C GLN A 118 11.59 -9.61 -0.53
N ALA A 119 12.59 -9.58 -1.43
CA ALA A 119 12.32 -9.65 -2.87
C ALA A 119 11.53 -10.92 -3.22
N GLU A 120 11.84 -12.04 -2.58
CA GLU A 120 11.09 -13.27 -2.86
C GLU A 120 9.60 -13.10 -2.54
N ALA A 121 9.29 -12.47 -1.40
CA ALA A 121 7.88 -12.25 -1.03
C ALA A 121 7.19 -11.36 -2.06
N VAL A 122 7.84 -10.28 -2.47
CA VAL A 122 7.26 -9.39 -3.48
C VAL A 122 7.11 -10.11 -4.81
N ALA A 123 8.18 -10.80 -5.26
CA ALA A 123 8.12 -11.51 -6.53
C ALA A 123 6.95 -12.49 -6.56
N ARG A 124 6.72 -13.20 -5.44
CA ARG A 124 5.64 -14.20 -5.36
C ARG A 124 4.28 -13.55 -5.58
N GLU A 125 4.04 -12.41 -4.93
CA GLU A 125 2.80 -11.69 -5.12
C GLU A 125 2.69 -11.11 -6.52
N LEU A 126 3.80 -10.64 -7.09
CA LEU A 126 3.76 -10.09 -8.44
C LEU A 126 3.45 -11.18 -9.46
N ALA A 127 3.98 -12.38 -9.25
CA ALA A 127 3.70 -13.47 -10.20
C ALA A 127 2.22 -13.85 -10.17
N LYS A 128 1.56 -13.74 -9.02
CA LYS A 128 0.13 -14.03 -8.98
C LYS A 128 -0.68 -13.06 -9.84
N LYS A 129 -0.17 -11.86 -10.09
CA LYS A 129 -0.81 -10.89 -10.98
C LYS A 129 -0.54 -11.13 -12.48
N GLY A 130 0.00 -12.30 -12.84
CA GLY A 130 0.20 -12.64 -14.24
C GLY A 130 1.58 -12.30 -14.79
N TYR A 131 2.48 -11.78 -13.97
CA TYR A 131 3.85 -11.52 -14.39
C TYR A 131 4.60 -12.85 -14.39
N SER A 132 4.83 -13.39 -15.59
CA SER A 132 5.42 -14.72 -15.73
C SER A 132 6.94 -14.70 -15.85
N ARG A 133 7.58 -13.53 -15.87
CA ARG A 133 9.02 -13.43 -16.04
C ARG A 133 9.61 -12.57 -14.92
N VAL A 134 9.30 -12.93 -13.67
CA VAL A 134 9.85 -12.24 -12.51
C VAL A 134 10.98 -13.06 -11.93
N TYR A 135 12.11 -12.39 -11.62
CA TYR A 135 13.28 -13.03 -11.04
C TYR A 135 13.78 -12.23 -9.83
N VAL A 136 14.29 -12.95 -8.83
CA VAL A 136 14.89 -12.32 -7.66
C VAL A 136 16.41 -12.47 -7.75
N VAL A 137 17.14 -11.40 -7.48
CA VAL A 137 18.61 -11.50 -7.44
C VAL A 137 19.02 -12.32 -6.23
N THR A 138 19.68 -13.44 -6.47
CA THR A 138 20.11 -14.30 -5.37
C THR A 138 21.08 -13.55 -4.46
N GLY A 139 20.86 -13.66 -3.16
CA GLY A 139 21.74 -12.94 -2.24
C GLY A 139 21.43 -11.47 -2.09
N GLY A 140 20.50 -10.93 -2.88
CA GLY A 140 20.24 -9.50 -2.85
C GLY A 140 21.49 -8.66 -3.09
N PHE A 141 21.50 -7.48 -2.47
CA PHE A 141 22.60 -6.54 -2.64
C PHE A 141 23.76 -6.87 -1.71
N ASP A 142 23.44 -7.21 -0.45
CA ASP A 142 24.43 -7.40 0.59
C ASP A 142 24.65 -8.85 0.99
N GLY A 143 23.79 -9.75 0.59
CA GLY A 143 23.83 -11.11 1.07
C GLY A 143 24.87 -11.97 0.36
N ARG A 144 24.83 -13.27 0.68
CA ARG A 144 25.82 -14.20 0.18
C ARG A 144 25.77 -14.28 -1.34
N ALA A 145 26.93 -14.11 -1.97
CA ALA A 145 27.03 -14.13 -3.42
C ALA A 145 26.13 -13.09 -4.09
N GLY A 146 25.66 -12.09 -3.34
CA GLY A 146 24.81 -11.05 -3.88
C GLY A 146 25.64 -10.05 -4.67
N TRP A 147 25.04 -8.88 -4.90
CA TRP A 147 25.64 -7.87 -5.77
C TRP A 147 27.06 -7.50 -5.33
N ILE A 148 27.20 -6.99 -4.10
CA ILE A 148 28.52 -6.55 -3.64
C ILE A 148 29.50 -7.71 -3.66
N GLN A 149 29.05 -8.88 -3.20
CA GLN A 149 29.89 -10.07 -3.07
C GLN A 149 30.33 -10.58 -4.42
N SER A 150 29.51 -10.38 -5.46
CA SER A 150 29.83 -10.82 -6.80
C SER A 150 30.89 -9.93 -7.44
N LYS A 151 31.35 -8.89 -6.74
CA LYS A 151 32.35 -7.97 -7.27
C LYS A 151 31.81 -7.21 -8.48
N LEU A 152 30.55 -6.76 -8.38
CA LEU A 152 30.00 -5.79 -9.31
C LEU A 152 30.21 -4.40 -8.71
N GLN A 153 30.05 -3.37 -9.55
CA GLN A 153 30.33 -2.02 -9.08
C GLN A 153 29.10 -1.43 -8.40
N ILE A 154 29.35 -0.57 -7.42
CA ILE A 154 28.32 0.09 -6.65
C ILE A 154 28.69 1.55 -6.58
N LYS A 155 27.70 2.38 -6.27
CA LYS A 155 27.92 3.81 -6.12
C LYS A 155 27.03 4.31 -4.98
N PRO A 156 27.35 5.48 -4.44
CA PRO A 156 26.57 5.99 -3.30
C PRO A 156 25.12 6.26 -3.68
N PHE A 157 24.25 6.19 -2.69
CA PHE A 157 22.84 6.43 -2.95
C PHE A 157 22.57 7.93 -3.02
N THR A 158 21.89 8.36 -4.07
CA THR A 158 21.49 9.76 -4.24
C THR A 158 20.07 9.84 -4.79
N GLY B 18 -21.86 -0.16 -6.27
CA GLY B 18 -20.40 -0.37 -6.01
C GLY B 18 -20.13 -0.93 -4.62
N TYR B 19 -20.97 -0.54 -3.67
CA TYR B 19 -20.88 -0.98 -2.29
C TYR B 19 -22.31 -1.03 -1.74
N ALA B 20 -22.43 -1.26 -0.42
CA ALA B 20 -23.75 -1.56 0.15
C ALA B 20 -24.66 -0.34 0.14
N GLY B 21 -24.09 0.86 0.24
CA GLY B 21 -24.88 2.07 0.12
C GLY B 21 -24.32 3.21 0.95
N GLU B 22 -25.03 4.32 0.90
CA GLU B 22 -24.66 5.51 1.65
C GLU B 22 -25.42 5.53 2.97
N ILE B 23 -24.95 6.36 3.89
CA ILE B 23 -25.47 6.43 5.26
C ILE B 23 -25.18 7.82 5.79
N THR B 24 -26.18 8.46 6.40
CA THR B 24 -25.94 9.77 6.98
C THR B 24 -25.05 9.64 8.21
N ALA B 25 -24.39 10.75 8.57
CA ALA B 25 -23.56 10.74 9.77
C ALA B 25 -24.35 10.37 11.03
N ALA B 26 -25.56 10.91 11.19
CA ALA B 26 -26.36 10.60 12.38
C ALA B 26 -26.69 9.12 12.47
N VAL B 27 -27.01 8.48 11.33
CA VAL B 27 -27.31 7.05 11.30
C VAL B 27 -26.03 6.24 11.48
N ALA B 28 -24.91 6.74 10.97
CA ALA B 28 -23.64 6.08 11.23
C ALA B 28 -23.36 6.03 12.73
N LEU B 29 -23.58 7.16 13.42
CA LEU B 29 -23.42 7.21 14.87
C LEU B 29 -24.33 6.21 15.55
N ASP B 30 -25.61 6.21 15.19
CA ASP B 30 -26.55 5.27 15.76
C ASP B 30 -26.12 3.83 15.54
N THR B 31 -25.59 3.53 14.35
CA THR B 31 -25.22 2.15 14.00
C THR B 31 -24.01 1.68 14.80
N VAL B 32 -22.99 2.52 14.96
CA VAL B 32 -21.81 2.02 15.64
C VAL B 32 -22.09 1.91 17.12
N VAL B 33 -23.12 2.61 17.63
CA VAL B 33 -23.49 2.45 19.02
C VAL B 33 -24.28 1.16 19.22
N ASN B 34 -25.22 0.88 18.31
CA ASN B 34 -26.23 -0.13 18.60
C ASN B 34 -26.09 -1.42 17.82
N ASP B 35 -25.22 -1.45 16.81
CA ASP B 35 -25.02 -2.64 16.01
C ASP B 35 -23.70 -3.27 16.38
N PRO B 36 -23.69 -4.38 17.13
CA PRO B 36 -22.40 -4.96 17.55
C PRO B 36 -21.46 -5.32 16.42
N SER B 37 -21.97 -5.60 15.22
CA SER B 37 -21.11 -6.02 14.12
C SER B 37 -20.58 -4.83 13.31
N ALA B 38 -20.88 -3.61 13.71
CA ALA B 38 -20.51 -2.45 12.92
C ALA B 38 -19.21 -1.84 13.45
N VAL B 39 -18.47 -1.20 12.55
CA VAL B 39 -17.33 -0.37 12.90
C VAL B 39 -17.38 0.89 12.05
N LEU B 40 -16.82 1.97 12.58
CA LEU B 40 -16.60 3.21 11.85
C LEU B 40 -15.10 3.37 11.62
N ILE B 41 -14.68 3.40 10.36
CA ILE B 41 -13.27 3.50 10.01
C ILE B 41 -13.03 4.90 9.42
N ASP B 42 -12.32 5.72 10.18
CA ASP B 42 -11.90 7.03 9.72
C ASP B 42 -10.68 6.85 8.82
N VAL B 43 -10.78 7.24 7.55
CA VAL B 43 -9.68 7.06 6.61
C VAL B 43 -9.03 8.38 6.26
N ARG B 44 -9.35 9.46 6.98
CA ARG B 44 -8.77 10.75 6.69
C ARG B 44 -7.29 10.74 7.01
N ALA B 45 -6.55 11.63 6.35
CA ALA B 45 -5.12 11.77 6.63
C ALA B 45 -4.91 12.37 8.00
N ALA B 46 -3.72 12.16 8.56
CA ALA B 46 -3.42 12.75 9.87
C ALA B 46 -3.59 14.26 9.85
N ARG B 47 -3.12 14.93 8.80
CA ARG B 47 -3.29 16.37 8.72
C ARG B 47 -4.77 16.78 8.72
N GLU B 48 -5.64 15.94 8.16
CA GLU B 48 -7.08 16.27 8.10
C GLU B 48 -7.76 16.06 9.44
N LYS B 49 -7.44 14.96 10.15
CA LYS B 49 -8.01 14.70 11.47
C LYS B 49 -7.58 15.77 12.47
N GLU B 50 -6.62 16.57 12.05
CA GLU B 50 -5.88 17.48 12.90
C GLU B 50 -6.35 18.91 12.74
N ALA B 51 -6.61 19.30 11.49
CA ALA B 51 -7.29 20.56 11.22
C ALA B 51 -8.73 20.52 11.74
N SER B 52 -9.40 19.37 11.67
CA SER B 52 -10.83 19.33 11.90
C SER B 52 -11.28 18.53 13.12
N GLY B 53 -10.45 17.67 13.68
CA GLY B 53 -10.90 16.83 14.78
C GLY B 53 -11.40 15.46 14.33
N VAL B 54 -11.90 14.71 15.30
CA VAL B 54 -12.35 13.33 15.07
C VAL B 54 -13.69 13.11 15.77
N PRO B 55 -14.41 12.04 15.44
CA PRO B 55 -15.73 11.83 16.06
C PRO B 55 -15.62 11.54 17.54
N ASP B 56 -16.62 12.01 18.28
CA ASP B 56 -16.74 11.80 19.72
C ASP B 56 -18.06 11.05 19.95
N VAL B 57 -17.96 9.74 20.17
CA VAL B 57 -19.15 8.90 20.26
C VAL B 57 -19.30 8.42 21.70
N PRO B 58 -20.47 7.91 22.11
CA PRO B 58 -20.62 7.48 23.50
C PRO B 58 -19.57 6.45 23.88
N GLY B 59 -19.19 6.45 25.16
CA GLY B 59 -17.98 5.74 25.58
C GLY B 59 -17.98 4.28 25.21
N ALA B 60 -19.13 3.61 25.36
CA ALA B 60 -19.20 2.18 25.11
C ALA B 60 -18.89 1.83 23.66
N ALA B 61 -19.06 2.77 22.74
CA ALA B 61 -18.84 2.51 21.31
C ALA B 61 -17.52 3.03 20.80
N SER B 62 -16.75 3.75 21.63
CA SER B 62 -15.55 4.40 21.13
C SER B 62 -14.53 3.39 20.59
N SER B 63 -14.50 2.18 21.17
CA SER B 63 -13.56 1.18 20.68
C SER B 63 -13.93 0.66 19.31
N LYS B 64 -15.12 0.95 18.80
CA LYS B 64 -15.57 0.54 17.48
C LYS B 64 -15.24 1.56 16.41
N VAL B 65 -14.59 2.66 16.77
CA VAL B 65 -14.15 3.68 15.84
C VAL B 65 -12.67 3.38 15.58
N LEU B 66 -12.34 3.00 14.34
CA LEU B 66 -10.98 2.65 13.95
C LEU B 66 -10.40 3.72 13.02
N GLU B 67 -9.08 3.72 12.87
CA GLU B 67 -8.38 4.68 12.02
C GLU B 67 -7.46 3.93 11.08
N VAL B 68 -7.71 4.04 9.77
CA VAL B 68 -6.80 3.57 8.73
C VAL B 68 -6.59 4.73 7.75
N GLU B 69 -5.51 5.48 7.93
CA GLU B 69 -5.27 6.63 7.07
C GLU B 69 -5.18 6.23 5.61
N PHE B 70 -5.84 7.03 4.76
CA PHE B 70 -5.83 6.78 3.32
C PHE B 70 -4.39 6.55 2.87
N ALA B 71 -4.16 5.45 2.12
CA ALA B 71 -2.80 5.01 1.82
C ALA B 71 -2.22 5.78 0.64
N ALA B 72 -1.98 7.07 0.87
CA ALA B 72 -1.47 7.94 -0.18
C ALA B 72 -0.03 7.55 -0.56
N LEU B 73 0.29 7.73 -1.83
CA LEU B 73 1.66 7.50 -2.33
C LEU B 73 2.45 8.78 -2.08
N GLU B 74 3.22 8.81 -0.99
CA GLU B 74 3.83 10.07 -0.58
C GLU B 74 5.10 10.38 -1.37
N ASP B 75 5.73 9.36 -1.96
CA ASP B 75 6.90 9.52 -2.81
C ASP B 75 6.43 10.00 -4.18
N LYS B 76 6.59 11.31 -4.42
CA LYS B 76 6.10 11.90 -5.66
C LYS B 76 6.75 11.26 -6.88
N LYS B 77 8.05 10.95 -6.79
CA LYS B 77 8.76 10.37 -7.92
C LYS B 77 8.16 9.03 -8.31
N LEU B 78 7.98 8.14 -7.34
CA LEU B 78 7.32 6.87 -7.61
C LEU B 78 5.91 7.09 -8.17
N ARG B 79 5.14 7.98 -7.54
CA ARG B 79 3.74 8.15 -7.93
C ARG B 79 3.62 8.53 -9.39
N SER B 80 4.54 9.35 -9.89
CA SER B 80 4.49 9.82 -11.27
C SER B 80 4.70 8.68 -12.27
N GLN B 81 5.22 7.55 -11.82
CA GLN B 81 5.49 6.43 -12.72
C GLN B 81 4.35 5.43 -12.79
N LEU B 82 3.30 5.60 -12.00
CA LEU B 82 2.24 4.60 -11.91
C LEU B 82 1.04 5.02 -12.75
N LYS B 83 0.42 4.03 -13.38
CA LYS B 83 -0.84 4.25 -14.07
C LYS B 83 -1.98 4.25 -13.06
N ASP B 84 -2.83 5.29 -13.12
CA ASP B 84 -3.98 5.45 -12.23
C ASP B 84 -3.58 5.41 -10.76
N PRO B 85 -2.72 6.32 -10.30
CA PRO B 85 -2.21 6.23 -8.92
C PRO B 85 -3.31 6.35 -7.84
N SER B 86 -4.34 7.19 -8.05
CA SER B 86 -5.40 7.28 -7.03
C SER B 86 -6.11 5.95 -6.85
N PHE B 87 -6.26 5.20 -7.94
CA PHE B 87 -6.86 3.86 -7.89
C PHE B 87 -5.97 2.92 -7.08
N ILE B 88 -4.65 3.01 -7.25
CA ILE B 88 -3.74 2.20 -6.45
C ILE B 88 -3.86 2.55 -4.97
N GLU B 89 -3.91 3.85 -4.66
CA GLU B 89 -4.04 4.27 -3.25
C GLU B 89 -5.31 3.73 -2.62
N ALA B 90 -6.42 3.76 -3.35
CA ALA B 90 -7.65 3.22 -2.79
C ALA B 90 -7.55 1.73 -2.56
N GLN B 91 -6.97 1.01 -3.53
CA GLN B 91 -6.80 -0.42 -3.38
C GLN B 91 -5.96 -0.73 -2.15
N THR B 92 -4.87 0.02 -1.94
CA THR B 92 -3.99 -0.22 -0.80
C THR B 92 -4.71 0.06 0.52
N THR B 93 -5.46 1.16 0.61
CA THR B 93 -6.27 1.41 1.79
C THR B 93 -7.25 0.25 2.01
N ALA B 94 -7.89 -0.20 0.94
CA ALA B 94 -8.82 -1.31 1.08
C ALA B 94 -8.10 -2.58 1.52
N LEU B 95 -6.89 -2.82 0.99
CA LEU B 95 -6.13 -4.00 1.40
C LEU B 95 -5.86 -3.95 2.90
N GLN B 96 -5.44 -2.79 3.42
CA GLN B 96 -5.19 -2.68 4.85
C GLN B 96 -6.44 -2.92 5.67
N ILE B 97 -7.55 -2.28 5.30
CA ILE B 97 -8.79 -2.45 6.05
C ILE B 97 -9.20 -3.92 6.07
N ALA B 98 -9.19 -4.56 4.89
CA ALA B 98 -9.57 -5.97 4.80
C ALA B 98 -8.72 -6.87 5.69
N SER B 99 -7.54 -6.41 6.11
CA SER B 99 -6.65 -7.21 6.94
C SER B 99 -6.72 -6.85 8.41
N LEU B 100 -7.65 -5.98 8.82
CA LEU B 100 -7.80 -5.65 10.22
C LEU B 100 -8.29 -6.87 10.98
N ARG B 101 -7.61 -7.20 12.07
CA ARG B 101 -8.02 -8.31 12.91
C ARG B 101 -9.45 -8.11 13.42
N ARG B 102 -9.85 -6.86 13.65
CA ARG B 102 -11.10 -6.55 14.32
C ARG B 102 -12.33 -6.87 13.49
N ILE B 103 -12.20 -7.01 12.18
CA ILE B 103 -13.37 -7.17 11.33
C ILE B 103 -13.32 -8.49 10.58
N GLY B 104 -14.46 -8.86 9.99
CA GLY B 104 -14.56 -9.91 9.00
C GLY B 104 -15.46 -9.47 7.86
N THR B 105 -15.68 -10.39 6.91
CA THR B 105 -16.47 -10.04 5.73
C THR B 105 -17.94 -9.78 6.07
N GLY B 106 -18.43 -10.28 7.21
CA GLY B 106 -19.78 -9.99 7.65
C GLY B 106 -19.93 -8.70 8.42
N SER B 107 -18.83 -8.02 8.72
CA SER B 107 -18.89 -6.79 9.49
C SER B 107 -19.56 -5.67 8.69
N LYS B 108 -20.32 -4.83 9.38
CA LYS B 108 -20.85 -3.63 8.74
C LYS B 108 -19.77 -2.56 8.85
N VAL B 109 -19.15 -2.21 7.72
CA VAL B 109 -17.99 -1.33 7.72
C VAL B 109 -18.41 0.03 7.20
N ILE B 110 -18.37 1.04 8.07
CA ILE B 110 -18.75 2.40 7.71
C ILE B 110 -17.50 3.21 7.53
N LEU B 111 -17.33 3.80 6.35
CA LEU B 111 -16.11 4.53 6.04
C LEU B 111 -16.38 6.02 6.10
N LEU B 112 -15.42 6.75 6.67
CA LEU B 112 -15.54 8.18 6.92
C LEU B 112 -14.28 8.85 6.37
N ASP B 113 -14.44 9.70 5.36
CA ASP B 113 -13.32 10.51 4.86
C ASP B 113 -13.68 11.98 5.06
N ARG B 114 -13.01 12.87 4.33
CA ARG B 114 -13.25 14.30 4.51
C ARG B 114 -14.57 14.73 3.88
N TYR B 115 -14.77 14.42 2.59
CA TYR B 115 -15.93 14.92 1.87
C TYR B 115 -16.79 13.85 1.20
N GLY B 116 -16.34 12.60 1.14
CA GLY B 116 -17.08 11.55 0.47
C GLY B 116 -16.28 10.76 -0.56
N PRO B 117 -15.76 11.45 -1.58
CA PRO B 117 -15.18 10.72 -2.74
C PRO B 117 -14.08 9.73 -2.41
N GLN B 118 -13.15 10.07 -1.51
CA GLN B 118 -12.12 9.10 -1.16
C GLN B 118 -12.71 7.85 -0.52
N ALA B 119 -13.70 8.05 0.36
CA ALA B 119 -14.36 6.93 1.02
C ALA B 119 -15.07 6.06 0.00
N GLU B 120 -15.71 6.68 -1.00
CA GLU B 120 -16.39 5.92 -2.04
C GLU B 120 -15.39 5.05 -2.81
N ALA B 121 -14.24 5.62 -3.16
CA ALA B 121 -13.22 4.85 -3.88
C ALA B 121 -12.79 3.63 -3.06
N VAL B 122 -12.48 3.83 -1.78
CA VAL B 122 -12.07 2.71 -0.94
C VAL B 122 -13.20 1.69 -0.80
N ALA B 123 -14.44 2.17 -0.57
CA ALA B 123 -15.55 1.24 -0.42
C ALA B 123 -15.72 0.36 -1.66
N ARG B 124 -15.62 0.94 -2.86
CA ARG B 124 -15.76 0.12 -4.07
C ARG B 124 -14.74 -1.01 -4.09
N GLU B 125 -13.52 -0.75 -3.64
CA GLU B 125 -12.47 -1.76 -3.63
C GLU B 125 -12.67 -2.80 -2.53
N LEU B 126 -13.20 -2.40 -1.37
CA LEU B 126 -13.51 -3.39 -0.34
C LEU B 126 -14.59 -4.35 -0.81
N ALA B 127 -15.66 -3.83 -1.41
CA ALA B 127 -16.73 -4.70 -1.89
C ALA B 127 -16.20 -5.74 -2.86
N LYS B 128 -15.22 -5.36 -3.70
CA LYS B 128 -14.62 -6.32 -4.63
C LYS B 128 -13.89 -7.45 -3.90
N LYS B 129 -13.53 -7.25 -2.64
CA LYS B 129 -12.83 -8.25 -1.84
C LYS B 129 -13.78 -9.10 -1.01
N GLY B 130 -15.08 -9.01 -1.24
CA GLY B 130 -16.04 -9.81 -0.52
C GLY B 130 -16.65 -9.17 0.70
N TYR B 131 -16.57 -7.85 0.84
CA TYR B 131 -17.21 -7.13 1.94
C TYR B 131 -18.51 -6.54 1.40
N SER B 132 -19.62 -7.20 1.70
CA SER B 132 -20.91 -6.84 1.14
C SER B 132 -21.69 -5.85 2.01
N ARG B 133 -21.12 -5.39 3.12
CA ARG B 133 -21.81 -4.46 4.01
C ARG B 133 -20.95 -3.25 4.30
N VAL B 134 -20.45 -2.61 3.24
CA VAL B 134 -19.62 -1.42 3.34
C VAL B 134 -20.46 -0.21 2.99
N TYR B 135 -20.49 0.79 3.87
CA TYR B 135 -21.25 2.01 3.69
C TYR B 135 -20.31 3.19 3.76
N VAL B 136 -20.67 4.28 3.08
CA VAL B 136 -19.91 5.52 3.12
C VAL B 136 -20.75 6.61 3.78
N VAL B 137 -20.12 7.37 4.69
CA VAL B 137 -20.82 8.49 5.35
C VAL B 137 -20.99 9.60 4.35
N THR B 138 -22.25 9.95 4.08
CA THR B 138 -22.57 11.01 3.13
C THR B 138 -22.01 12.34 3.63
N GLY B 139 -21.31 13.05 2.75
CA GLY B 139 -20.68 14.29 3.10
C GLY B 139 -19.44 14.16 3.94
N GLY B 140 -19.01 12.94 4.26
CA GLY B 140 -17.84 12.72 5.09
C GLY B 140 -17.90 13.51 6.38
N PHE B 141 -16.71 13.87 6.88
CA PHE B 141 -16.58 14.58 8.15
C PHE B 141 -16.86 16.09 7.99
N ASP B 142 -16.36 16.68 6.91
CA ASP B 142 -16.39 18.13 6.74
C ASP B 142 -17.36 18.57 5.67
N GLY B 143 -17.91 17.65 4.89
CA GLY B 143 -18.75 18.01 3.78
C GLY B 143 -20.14 18.47 4.19
N ARG B 144 -20.96 18.63 3.16
CA ARG B 144 -22.31 19.11 3.38
C ARG B 144 -23.14 18.02 4.02
N ALA B 145 -23.84 18.36 5.10
CA ALA B 145 -24.59 17.42 5.91
C ALA B 145 -23.72 16.31 6.46
N GLY B 146 -22.40 16.47 6.43
CA GLY B 146 -21.51 15.47 6.97
C GLY B 146 -21.51 15.48 8.49
N TRP B 147 -20.46 14.95 9.09
CA TRP B 147 -20.43 14.79 10.55
C TRP B 147 -20.56 16.14 11.27
N ILE B 148 -19.64 17.06 11.03
CA ILE B 148 -19.68 18.34 11.74
C ILE B 148 -21.00 19.07 11.48
N GLN B 149 -21.39 19.17 10.20
CA GLN B 149 -22.59 19.94 9.88
C GLN B 149 -23.88 19.24 10.31
N SER B 150 -23.83 17.96 10.68
CA SER B 150 -24.96 17.28 11.27
C SER B 150 -25.09 17.55 12.75
N LYS B 151 -24.19 18.36 13.32
CA LYS B 151 -24.20 18.72 14.74
C LYS B 151 -24.05 17.46 15.61
N LEU B 152 -23.17 16.57 15.17
CA LEU B 152 -22.65 15.52 16.02
C LEU B 152 -21.40 16.05 16.72
N GLN B 153 -21.01 15.38 17.80
CA GLN B 153 -19.91 15.91 18.60
C GLN B 153 -18.57 15.48 18.05
N ILE B 154 -17.56 16.32 18.24
CA ILE B 154 -16.22 16.05 17.75
C ILE B 154 -15.25 16.38 18.88
N LYS B 155 -14.03 15.87 18.77
CA LYS B 155 -13.01 16.12 19.79
C LYS B 155 -11.65 16.14 19.10
N PRO B 156 -10.65 16.77 19.74
CA PRO B 156 -9.31 16.88 19.13
C PRO B 156 -8.75 15.51 18.74
N PHE B 157 -7.86 15.53 17.75
CA PHE B 157 -7.14 14.35 17.30
C PHE B 157 -5.86 14.22 18.11
N THR B 158 -5.51 12.98 18.44
CA THR B 158 -4.25 12.70 19.14
C THR B 158 -3.24 12.08 18.18
#